data_6NAX
#
_entry.id   6NAX
#
_cell.length_a   111.955
_cell.length_b   111.955
_cell.length_c   44.129
_cell.angle_alpha   90.00
_cell.angle_beta   90.00
_cell.angle_gamma   90.00
#
_symmetry.space_group_name_H-M   'P 4'
#
loop_
_entity.id
_entity.type
_entity.pdbx_description
1 polymer Myocilin
2 non-polymer 'CALCIUM ION'
3 non-polymer 'SODIUM ION'
4 non-polymer GLYCEROL
5 non-polymer 'POTASSIUM ION'
6 water water
#
_entity_poly.entity_id   1
_entity_poly.type   'polypeptide(L)'
_entity_poly.pdbx_seq_one_letter_code
;LKENPSGRPRSKEGDKGCGALVWVGEPVTLRTAETIAGKYGVWMRDPKPTHPYTQESTWRIDTVGTEIRQVFEYSQISQF
EQGYPSKVHVLPRALESTGAVVYAGSLYFQGAESRTVVRYELDTETVKAEKEIPGAGYHGHFPYAWGGYTDIDLAVDESG
LWVIYSTEEAKGAIVLSKLNPANLELERTWETNIRKQSVANAFVICGILYTVSSYSSAHATVNFAYDTKTGTSKTLTIPF
TNRYKYSSMIDYNPLERKLFAWDNFNMVTYDIKLLEM
;
_entity_poly.pdbx_strand_id   A,B
#
loop_
_chem_comp.id
_chem_comp.type
_chem_comp.name
_chem_comp.formula
CA non-polymer 'CALCIUM ION' 'Ca 2'
GOL non-polymer GLYCEROL 'C3 H8 O3'
K non-polymer 'POTASSIUM ION' 'K 1'
NA non-polymer 'SODIUM ION' 'Na 1'
#
# COMPACT_ATOMS: atom_id res chain seq x y z
N GLY A 17 -30.50 -17.65 -8.77
CA GLY A 17 -30.61 -16.81 -9.94
C GLY A 17 -29.76 -15.55 -9.87
N CYS A 18 -29.30 -15.07 -11.02
CA CYS A 18 -28.44 -13.91 -11.06
C CYS A 18 -29.22 -12.60 -10.97
N GLY A 19 -28.53 -11.57 -10.51
CA GLY A 19 -29.09 -10.23 -10.44
C GLY A 19 -28.02 -9.26 -9.99
N ALA A 20 -28.43 -7.99 -9.90
CA ALA A 20 -27.53 -6.95 -9.43
C ALA A 20 -27.32 -7.05 -7.92
N LEU A 21 -26.14 -6.63 -7.48
CA LEU A 21 -25.86 -6.57 -6.04
C LEU A 21 -26.72 -5.50 -5.39
N VAL A 22 -27.39 -5.85 -4.29
CA VAL A 22 -28.16 -4.84 -3.56
C VAL A 22 -27.76 -4.72 -2.10
N TRP A 23 -27.04 -5.69 -1.52
CA TRP A 23 -26.76 -5.64 -0.09
C TRP A 23 -25.52 -6.46 0.21
N VAL A 24 -24.68 -5.94 1.12
CA VAL A 24 -23.51 -6.63 1.64
C VAL A 24 -23.66 -6.70 3.16
N GLY A 25 -23.50 -7.89 3.71
CA GLY A 25 -23.55 -8.06 5.15
C GLY A 25 -22.29 -7.58 5.85
N GLU A 26 -22.31 -7.69 7.17
CA GLU A 26 -21.16 -7.31 7.97
C GLU A 26 -20.15 -8.46 8.00
N PRO A 27 -18.85 -8.14 8.06
CA PRO A 27 -17.84 -9.19 7.96
C PRO A 27 -17.88 -10.13 9.16
N VAL A 28 -17.75 -11.42 8.86
CA VAL A 28 -17.62 -12.49 9.84
C VAL A 28 -16.19 -13.00 9.79
N THR A 29 -15.52 -13.04 10.93
CA THR A 29 -14.12 -13.43 10.99
C THR A 29 -14.02 -14.94 11.21
N LEU A 30 -13.38 -15.64 10.27
CA LEU A 30 -13.19 -17.08 10.38
C LEU A 30 -11.84 -17.46 10.96
N ARG A 31 -10.79 -16.69 10.69
CA ARG A 31 -9.46 -17.01 11.20
C ARG A 31 -8.67 -15.71 11.29
N THR A 32 -7.85 -15.59 12.33
CA THR A 32 -6.95 -14.46 12.48
C THR A 32 -5.52 -14.99 12.42
N ALA A 33 -4.74 -14.48 11.46
CA ALA A 33 -3.35 -14.89 11.34
C ALA A 33 -2.57 -14.43 12.56
N GLU A 34 -1.59 -15.24 12.97
CA GLU A 34 -0.90 -15.03 14.23
C GLU A 34 0.50 -14.47 14.07
N THR A 35 0.98 -14.28 12.85
CA THR A 35 2.27 -13.66 12.60
C THR A 35 2.11 -12.49 11.66
N ILE A 36 3.09 -11.59 11.70
CA ILE A 36 3.08 -10.44 10.81
C ILE A 36 3.12 -10.86 9.34
N ALA A 37 3.64 -12.06 9.03
CA ALA A 37 3.60 -12.57 7.66
C ALA A 37 2.18 -12.77 7.15
N GLY A 38 1.19 -12.80 8.04
CA GLY A 38 -0.20 -12.94 7.63
C GLY A 38 -1.00 -11.66 7.67
N LYS A 39 -0.33 -10.50 7.64
CA LYS A 39 -1.07 -9.25 7.67
C LYS A 39 -1.97 -9.11 6.45
N TYR A 40 -1.50 -9.61 5.30
CA TYR A 40 -2.29 -9.66 4.09
C TYR A 40 -2.02 -10.99 3.38
N GLY A 41 -2.92 -11.35 2.48
CA GLY A 41 -2.85 -12.63 1.81
C GLY A 41 -4.13 -12.86 1.04
N VAL A 42 -4.30 -14.10 0.59
CA VAL A 42 -5.53 -14.51 -0.08
C VAL A 42 -5.98 -15.85 0.50
N TRP A 43 -7.29 -16.02 0.69
CA TRP A 43 -7.85 -17.30 1.07
C TRP A 43 -9.13 -17.49 0.29
N MET A 44 -9.53 -18.74 0.05
CA MET A 44 -10.62 -18.95 -0.89
C MET A 44 -11.09 -20.39 -0.81
N ARG A 45 -12.30 -20.61 -1.30
CA ARG A 45 -12.83 -21.93 -1.61
C ARG A 45 -13.07 -22.00 -3.13
N ASP A 46 -13.35 -23.22 -3.60
CA ASP A 46 -13.55 -23.44 -5.03
C ASP A 46 -15.04 -23.38 -5.36
N PRO A 47 -15.49 -22.40 -6.16
CA PRO A 47 -16.93 -22.33 -6.49
C PRO A 47 -17.38 -23.45 -7.42
N LYS A 48 -16.45 -24.20 -8.01
CA LYS A 48 -16.75 -25.38 -8.81
C LYS A 48 -15.89 -26.52 -8.31
N PRO A 49 -16.18 -27.05 -7.13
CA PRO A 49 -15.29 -28.07 -6.54
C PRO A 49 -15.23 -29.32 -7.40
N THR A 50 -14.05 -29.92 -7.45
CA THR A 50 -13.84 -31.14 -8.21
C THR A 50 -13.13 -32.16 -7.33
N HIS A 51 -13.46 -33.44 -7.53
CA HIS A 51 -12.80 -34.51 -6.82
C HIS A 51 -11.27 -34.34 -6.92
N PRO A 52 -10.53 -34.54 -5.82
CA PRO A 52 -10.92 -35.05 -4.51
C PRO A 52 -11.34 -33.97 -3.49
N TYR A 53 -11.60 -32.75 -3.96
CA TYR A 53 -12.00 -31.67 -3.08
C TYR A 53 -13.51 -31.61 -2.95
N THR A 54 -13.97 -30.84 -1.97
CA THR A 54 -15.39 -30.62 -1.71
C THR A 54 -15.62 -29.13 -1.55
N GLN A 55 -16.89 -28.76 -1.37
CA GLN A 55 -17.18 -27.35 -1.14
C GLN A 55 -16.66 -26.87 0.21
N GLU A 56 -16.24 -27.77 1.11
CA GLU A 56 -15.62 -27.35 2.35
C GLU A 56 -14.13 -27.09 2.23
N SER A 57 -13.50 -27.55 1.16
CA SER A 57 -12.06 -27.37 1.02
C SER A 57 -11.70 -25.89 0.99
N THR A 58 -10.64 -25.51 1.69
CA THR A 58 -10.21 -24.12 1.79
C THR A 58 -8.73 -24.03 1.51
N TRP A 59 -8.31 -22.95 0.84
CA TRP A 59 -6.90 -22.66 0.60
C TRP A 59 -6.54 -21.31 1.18
N ARG A 60 -5.28 -21.18 1.62
CA ARG A 60 -4.82 -19.97 2.28
C ARG A 60 -3.37 -19.71 1.90
N ILE A 61 -3.05 -18.46 1.57
CA ILE A 61 -1.71 -18.06 1.18
C ILE A 61 -1.40 -16.74 1.88
N ASP A 62 -0.49 -16.77 2.87
CA ASP A 62 0.07 -15.53 3.43
C ASP A 62 0.98 -14.89 2.39
N THR A 63 0.86 -13.58 2.16
CA THR A 63 1.64 -13.00 1.05
C THR A 63 2.47 -11.79 1.44
N VAL A 64 2.79 -11.60 2.73
CA VAL A 64 3.63 -10.46 3.11
C VAL A 64 5.10 -10.73 2.79
N GLY A 65 5.54 -11.97 2.93
CA GLY A 65 6.93 -12.31 2.73
C GLY A 65 7.37 -12.30 1.28
N THR A 66 8.64 -12.67 1.10
CA THR A 66 9.22 -12.82 -0.22
C THR A 66 9.19 -14.29 -0.63
N GLU A 67 9.32 -14.52 -1.93
CA GLU A 67 9.39 -15.87 -2.48
C GLU A 67 8.22 -16.72 -2.00
N ILE A 68 7.02 -16.21 -2.22
CA ILE A 68 5.80 -16.91 -1.77
C ILE A 68 5.61 -18.14 -2.66
N ARG A 69 5.72 -19.32 -2.06
CA ARG A 69 5.61 -20.57 -2.82
CA ARG A 69 5.63 -20.58 -2.81
C ARG A 69 4.76 -21.63 -2.15
N GLN A 70 4.29 -21.43 -0.92
CA GLN A 70 3.54 -22.46 -0.22
C GLN A 70 2.07 -22.08 -0.12
N VAL A 71 1.22 -23.03 -0.49
CA VAL A 71 -0.23 -22.87 -0.45
C VAL A 71 -0.77 -23.86 0.57
N PHE A 72 -1.43 -23.34 1.60
CA PHE A 72 -1.98 -24.19 2.65
C PHE A 72 -3.39 -24.65 2.26
N GLU A 73 -3.67 -25.92 2.50
CA GLU A 73 -4.94 -26.53 2.12
C GLU A 73 -5.58 -27.17 3.34
N TYR A 74 -6.89 -26.98 3.47
CA TYR A 74 -7.65 -27.49 4.61
C TYR A 74 -8.84 -28.27 4.08
N SER A 75 -8.95 -29.53 4.46
CA SER A 75 -10.05 -30.36 3.97
C SER A 75 -11.37 -30.07 4.68
N GLN A 76 -11.33 -29.51 5.89
CA GLN A 76 -12.53 -29.21 6.68
C GLN A 76 -12.44 -27.77 7.17
N ILE A 77 -13.60 -27.11 7.22
CA ILE A 77 -13.63 -25.72 7.67
C ILE A 77 -13.12 -25.62 9.11
N SER A 78 -13.45 -26.61 9.95
CA SER A 78 -12.96 -26.58 11.34
C SER A 78 -11.43 -26.60 11.39
N GLN A 79 -10.79 -27.31 10.47
CA GLN A 79 -9.32 -27.30 10.41
C GLN A 79 -8.81 -25.91 10.05
N PHE A 80 -9.47 -25.24 9.09
CA PHE A 80 -9.09 -23.88 8.74
C PHE A 80 -9.25 -22.94 9.91
N GLU A 81 -10.36 -23.04 10.64
CA GLU A 81 -10.61 -22.14 11.75
C GLU A 81 -9.59 -22.34 12.88
N GLN A 82 -9.06 -23.55 13.02
CA GLN A 82 -8.08 -23.86 14.05
C GLN A 82 -6.64 -23.66 13.58
N GLY A 83 -6.42 -23.40 12.30
CA GLY A 83 -5.09 -23.15 11.78
C GLY A 83 -4.25 -24.39 11.50
N TYR A 84 -4.87 -25.52 11.18
CA TYR A 84 -4.17 -26.78 10.94
C TYR A 84 -4.37 -27.28 9.52
N PRO A 85 -3.46 -26.98 8.59
CA PRO A 85 -3.64 -27.47 7.22
C PRO A 85 -3.57 -28.98 7.15
N SER A 86 -4.34 -29.55 6.22
CA SER A 86 -4.23 -30.97 5.93
C SER A 86 -3.20 -31.27 4.86
N LYS A 87 -2.90 -30.31 3.98
CA LYS A 87 -1.88 -30.46 2.96
C LYS A 87 -1.22 -29.10 2.75
N VAL A 88 0.01 -29.14 2.25
CA VAL A 88 0.74 -27.96 1.81
C VAL A 88 1.26 -28.22 0.41
N HIS A 89 0.96 -27.32 -0.53
CA HIS A 89 1.46 -27.41 -1.89
C HIS A 89 2.63 -26.46 -2.08
N VAL A 90 3.66 -26.92 -2.77
CA VAL A 90 4.80 -26.07 -3.14
C VAL A 90 4.65 -25.69 -4.61
N LEU A 91 4.53 -24.39 -4.87
CA LEU A 91 4.48 -23.92 -6.24
C LEU A 91 5.87 -23.93 -6.86
N PRO A 92 5.95 -24.25 -8.16
CA PRO A 92 7.26 -24.33 -8.81
C PRO A 92 7.88 -22.96 -9.11
N ARG A 93 7.08 -21.90 -9.05
N ARG A 93 7.08 -21.90 -9.06
CA ARG A 93 7.58 -20.54 -9.15
CA ARG A 93 7.59 -20.54 -9.15
C ARG A 93 6.88 -19.70 -8.09
C ARG A 93 6.88 -19.70 -8.09
N ALA A 94 7.46 -18.55 -7.78
CA ALA A 94 6.90 -17.69 -6.75
C ALA A 94 5.66 -16.96 -7.25
N LEU A 95 4.78 -16.64 -6.31
CA LEU A 95 3.50 -16.01 -6.55
C LEU A 95 3.54 -14.54 -6.14
N GLU A 96 2.78 -13.70 -6.85
CA GLU A 96 2.74 -12.27 -6.60
C GLU A 96 1.39 -11.84 -6.03
N SER A 97 1.42 -11.11 -4.92
CA SER A 97 0.29 -10.35 -4.39
C SER A 97 -0.90 -11.23 -3.99
N THR A 98 -2.10 -10.63 -3.95
CA THR A 98 -3.27 -11.23 -3.32
C THR A 98 -4.37 -11.62 -4.31
N GLY A 99 -4.13 -11.50 -5.61
CA GLY A 99 -5.24 -11.62 -6.55
C GLY A 99 -5.66 -13.01 -6.97
N ALA A 100 -5.01 -14.06 -6.48
CA ALA A 100 -5.25 -15.41 -6.99
C ALA A 100 -6.65 -15.92 -6.64
N VAL A 101 -7.11 -16.92 -7.42
CA VAL A 101 -8.36 -17.62 -7.18
C VAL A 101 -8.13 -19.13 -7.34
N VAL A 102 -9.08 -19.91 -6.82
CA VAL A 102 -9.17 -21.34 -7.13
C VAL A 102 -10.43 -21.58 -7.93
N TYR A 103 -10.34 -22.41 -8.97
CA TYR A 103 -11.49 -22.64 -9.84
C TYR A 103 -11.37 -24.00 -10.49
N ALA A 104 -12.38 -24.86 -10.25
CA ALA A 104 -12.48 -26.16 -10.91
C ALA A 104 -11.20 -26.97 -10.74
N GLY A 105 -10.63 -26.92 -9.54
CA GLY A 105 -9.50 -27.73 -9.15
C GLY A 105 -8.13 -27.14 -9.40
N SER A 106 -8.05 -25.92 -9.92
CA SER A 106 -6.77 -25.28 -10.19
C SER A 106 -6.65 -23.97 -9.43
N LEU A 107 -5.44 -23.70 -8.95
CA LEU A 107 -5.07 -22.38 -8.47
C LEU A 107 -4.62 -21.55 -9.66
N TYR A 108 -5.22 -20.38 -9.84
CA TYR A 108 -4.81 -19.43 -10.87
C TYR A 108 -4.14 -18.26 -10.15
N PHE A 109 -2.85 -18.05 -10.43
CA PHE A 109 -2.09 -17.05 -9.70
C PHE A 109 -1.16 -16.33 -10.66
N GLN A 110 -0.65 -15.19 -10.20
CA GLN A 110 0.27 -14.38 -10.98
C GLN A 110 1.70 -14.73 -10.60
N GLY A 111 2.54 -15.01 -11.60
CA GLY A 111 3.95 -15.23 -11.32
C GLY A 111 4.63 -13.98 -10.79
N ALA A 112 5.52 -14.18 -9.81
CA ALA A 112 6.27 -13.07 -9.25
C ALA A 112 6.99 -12.27 -10.33
N GLU A 113 6.93 -10.95 -10.20
CA GLU A 113 7.57 -9.99 -11.13
C GLU A 113 7.27 -10.34 -12.58
N SER A 114 6.00 -10.57 -12.86
CA SER A 114 5.56 -10.95 -14.20
C SER A 114 4.13 -10.49 -14.38
N ARG A 115 3.69 -10.48 -15.64
CA ARG A 115 2.26 -10.35 -15.93
C ARG A 115 1.70 -11.67 -16.45
N THR A 116 2.24 -12.78 -15.95
CA THR A 116 1.85 -14.12 -16.40
C THR A 116 0.92 -14.75 -15.37
N VAL A 117 -0.24 -15.20 -15.83
CA VAL A 117 -1.15 -16.00 -15.01
C VAL A 117 -0.80 -17.46 -15.23
N VAL A 118 -0.72 -18.20 -14.14
CA VAL A 118 -0.32 -19.60 -14.11
C VAL A 118 -1.50 -20.42 -13.61
N ARG A 119 -1.81 -21.52 -14.31
CA ARG A 119 -2.82 -22.48 -13.89
C ARG A 119 -2.11 -23.67 -13.27
N TYR A 120 -2.31 -23.86 -11.97
CA TYR A 120 -1.66 -24.93 -11.20
C TYR A 120 -2.75 -25.90 -10.74
N GLU A 121 -2.75 -27.10 -11.32
CA GLU A 121 -3.73 -28.11 -10.93
C GLU A 121 -3.37 -28.67 -9.57
N LEU A 122 -4.27 -28.52 -8.61
CA LEU A 122 -3.93 -28.77 -7.21
C LEU A 122 -3.70 -30.25 -6.93
N ASP A 123 -4.55 -31.13 -7.46
CA ASP A 123 -4.42 -32.55 -7.11
C ASP A 123 -3.17 -33.19 -7.71
N THR A 124 -2.78 -32.76 -8.90
CA THR A 124 -1.59 -33.31 -9.55
C THR A 124 -0.35 -32.46 -9.30
N GLU A 125 -0.50 -31.27 -8.72
CA GLU A 125 0.60 -30.34 -8.47
C GLU A 125 1.37 -30.05 -9.75
N THR A 126 0.65 -29.82 -10.84
CA THR A 126 1.27 -29.58 -12.13
C THR A 126 0.74 -28.28 -12.76
N VAL A 127 1.65 -27.56 -13.40
CA VAL A 127 1.30 -26.36 -14.14
C VAL A 127 0.70 -26.80 -15.47
N LYS A 128 -0.55 -26.42 -15.71
CA LYS A 128 -1.27 -26.86 -16.90
C LYS A 128 -1.39 -25.79 -17.97
N ALA A 129 -1.13 -24.54 -17.64
CA ALA A 129 -1.24 -23.45 -18.59
C ALA A 129 -0.55 -22.23 -18.00
N GLU A 130 -0.02 -21.39 -18.89
CA GLU A 130 0.52 -20.08 -18.55
C GLU A 130 0.09 -19.10 -19.64
N LYS A 131 -0.12 -17.85 -19.25
CA LYS A 131 -0.58 -16.85 -20.21
C LYS A 131 -0.09 -15.48 -19.77
N GLU A 132 0.66 -14.80 -20.64
CA GLU A 132 0.96 -13.38 -20.43
C GLU A 132 -0.30 -12.58 -20.76
N ILE A 133 -0.74 -11.74 -19.83
CA ILE A 133 -1.93 -10.93 -20.06
C ILE A 133 -1.50 -9.74 -20.90
N PRO A 134 -1.94 -9.62 -22.16
CA PRO A 134 -1.35 -8.62 -23.06
C PRO A 134 -1.51 -7.20 -22.54
N GLY A 135 -0.39 -6.49 -22.47
CA GLY A 135 -0.36 -5.09 -22.06
C GLY A 135 -0.51 -4.83 -20.58
N ALA A 136 -0.74 -5.85 -19.76
CA ALA A 136 -1.06 -5.60 -18.36
C ALA A 136 0.12 -4.99 -17.64
N GLY A 137 -0.14 -3.92 -16.88
CA GLY A 137 0.84 -3.44 -15.93
C GLY A 137 1.04 -4.42 -14.78
N TYR A 138 2.24 -4.43 -14.21
CA TYR A 138 2.50 -5.28 -13.07
C TYR A 138 3.57 -4.67 -12.17
N HIS A 139 3.62 -5.17 -10.93
CA HIS A 139 4.64 -4.81 -9.96
C HIS A 139 4.59 -3.34 -9.54
N GLY A 140 3.38 -2.89 -9.16
CA GLY A 140 3.21 -1.54 -8.69
C GLY A 140 3.00 -0.50 -9.77
N HIS A 141 2.54 -0.92 -10.95
CA HIS A 141 2.23 -0.01 -12.06
C HIS A 141 0.77 0.44 -12.00
N PHE A 142 -0.17 -0.50 -11.98
CA PHE A 142 -1.59 -0.22 -11.80
C PHE A 142 -2.14 -0.97 -10.59
N PRO A 143 -1.57 -0.75 -9.40
CA PRO A 143 -2.16 -1.38 -8.21
C PRO A 143 -3.52 -0.76 -7.89
N TYR A 144 -4.25 -1.45 -7.03
CA TYR A 144 -5.39 -0.81 -6.39
C TYR A 144 -4.89 0.31 -5.46
N ALA A 145 -5.84 1.07 -4.91
CA ALA A 145 -5.47 2.13 -3.97
C ALA A 145 -4.69 1.59 -2.79
N TRP A 146 -4.93 0.32 -2.43
CA TRP A 146 -4.21 -0.30 -1.32
C TRP A 146 -2.71 -0.35 -1.57
N GLY A 147 -2.30 -0.39 -2.84
CA GLY A 147 -0.90 -0.32 -3.16
C GLY A 147 -0.24 -1.67 -3.35
N GLY A 148 0.99 -1.81 -2.89
CA GLY A 148 1.69 -3.05 -3.11
C GLY A 148 1.80 -3.34 -4.58
N TYR A 149 1.66 -4.61 -4.92
CA TYR A 149 1.77 -5.09 -6.28
C TYR A 149 0.45 -5.69 -6.74
N THR A 150 -0.65 -5.01 -6.40
CA THR A 150 -2.01 -5.54 -6.61
C THR A 150 -2.54 -5.28 -8.02
N ASP A 151 -1.61 -5.18 -8.99
CA ASP A 151 -1.93 -4.87 -10.38
C ASP A 151 -2.91 -5.83 -11.06
N ILE A 152 -2.87 -7.11 -10.72
CA ILE A 152 -3.59 -8.14 -11.50
C ILE A 152 -4.44 -8.94 -10.52
N ASP A 153 -5.75 -8.96 -10.76
CA ASP A 153 -6.71 -9.52 -9.80
C ASP A 153 -7.60 -10.52 -10.54
N LEU A 154 -7.47 -11.81 -10.22
CA LEU A 154 -8.32 -12.80 -10.85
C LEU A 154 -9.69 -12.84 -10.15
N ALA A 155 -10.70 -13.34 -10.86
CA ALA A 155 -12.05 -13.34 -10.31
C ALA A 155 -12.83 -14.51 -10.88
N VAL A 156 -13.69 -15.10 -10.04
CA VAL A 156 -14.62 -16.13 -10.47
C VAL A 156 -16.04 -15.61 -10.26
N ASP A 157 -16.91 -15.77 -11.28
CA ASP A 157 -18.33 -15.53 -11.03
C ASP A 157 -19.14 -16.69 -11.59
N GLU A 158 -20.45 -16.48 -11.69
CA GLU A 158 -21.39 -17.52 -12.10
C GLU A 158 -21.08 -18.09 -13.48
N SER A 159 -20.38 -17.34 -14.34
CA SER A 159 -20.08 -17.77 -15.70
C SER A 159 -18.63 -18.18 -15.90
N GLY A 160 -17.79 -18.11 -14.86
CA GLY A 160 -16.43 -18.58 -15.01
C GLY A 160 -15.35 -17.64 -14.55
N LEU A 161 -14.22 -17.66 -15.26
CA LEU A 161 -12.98 -17.04 -14.83
C LEU A 161 -12.69 -15.73 -15.57
N TRP A 162 -12.22 -14.74 -14.82
CA TRP A 162 -11.94 -13.40 -15.32
C TRP A 162 -10.62 -12.91 -14.75
N VAL A 163 -10.07 -11.86 -15.37
CA VAL A 163 -8.92 -11.16 -14.79
C VAL A 163 -9.14 -9.66 -14.93
N ILE A 164 -8.79 -8.94 -13.88
CA ILE A 164 -8.93 -7.49 -13.74
C ILE A 164 -7.53 -6.89 -13.71
N TYR A 165 -7.29 -5.86 -14.52
CA TYR A 165 -5.96 -5.30 -14.68
C TYR A 165 -6.08 -3.92 -15.32
N SER A 166 -4.95 -3.32 -15.68
CA SER A 166 -5.00 -2.17 -16.57
C SER A 166 -3.80 -2.22 -17.52
N THR A 167 -3.81 -1.29 -18.48
CA THR A 167 -2.79 -1.18 -19.51
C THR A 167 -2.49 0.29 -19.74
N GLU A 168 -1.34 0.56 -20.36
CA GLU A 168 -1.04 1.94 -20.75
C GLU A 168 -2.02 2.42 -21.81
N GLU A 169 -2.44 1.52 -22.71
CA GLU A 169 -3.44 1.89 -23.71
C GLU A 169 -4.73 2.37 -23.05
N ALA A 170 -5.13 1.73 -21.95
CA ALA A 170 -6.32 2.13 -21.22
C ALA A 170 -6.06 3.25 -20.22
N LYS A 171 -4.82 3.71 -20.10
CA LYS A 171 -4.46 4.87 -19.29
C LYS A 171 -4.90 4.69 -17.83
N GLY A 172 -4.69 3.49 -17.29
CA GLY A 172 -5.00 3.21 -15.91
C GLY A 172 -6.44 2.81 -15.62
N ALA A 173 -7.34 2.86 -16.60
CA ALA A 173 -8.70 2.42 -16.37
C ALA A 173 -8.75 0.90 -16.25
N ILE A 174 -9.66 0.41 -15.42
CA ILE A 174 -9.80 -1.04 -15.26
C ILE A 174 -10.14 -1.68 -16.59
N VAL A 175 -9.37 -2.70 -16.95
CA VAL A 175 -9.64 -3.58 -18.08
C VAL A 175 -10.05 -4.94 -17.52
N LEU A 176 -11.04 -5.56 -18.13
CA LEU A 176 -11.62 -6.80 -17.66
C LEU A 176 -11.63 -7.79 -18.80
N SER A 177 -11.08 -8.98 -18.58
CA SER A 177 -11.08 -10.02 -19.62
C SER A 177 -11.62 -11.33 -19.07
N LYS A 178 -12.44 -12.00 -19.89
CA LYS A 178 -12.90 -13.35 -19.60
C LYS A 178 -11.87 -14.35 -20.10
N LEU A 179 -11.57 -15.37 -19.28
CA LEU A 179 -10.50 -16.33 -19.57
C LEU A 179 -11.06 -17.73 -19.78
N ASN A 180 -10.51 -18.43 -20.76
CA ASN A 180 -10.70 -19.87 -20.86
C ASN A 180 -10.00 -20.55 -19.69
N PRO A 181 -10.70 -21.29 -18.83
CA PRO A 181 -10.04 -21.86 -17.65
C PRO A 181 -9.08 -22.99 -17.98
N ALA A 182 -9.18 -23.61 -19.16
CA ALA A 182 -8.29 -24.73 -19.46
C ALA A 182 -6.94 -24.23 -19.96
N ASN A 183 -6.92 -23.27 -20.89
CA ASN A 183 -5.68 -22.84 -21.51
C ASN A 183 -5.40 -21.36 -21.35
N LEU A 184 -6.24 -20.62 -20.61
CA LEU A 184 -6.02 -19.22 -20.26
C LEU A 184 -6.07 -18.28 -21.45
N GLU A 185 -6.60 -18.72 -22.60
CA GLU A 185 -6.82 -17.78 -23.68
C GLU A 185 -7.84 -16.72 -23.27
N LEU A 186 -7.62 -15.49 -23.73
CA LEU A 186 -8.56 -14.39 -23.49
C LEU A 186 -9.72 -14.51 -24.46
N GLU A 187 -10.94 -14.62 -23.93
CA GLU A 187 -12.10 -14.81 -24.78
C GLU A 187 -12.74 -13.49 -25.18
N ARG A 188 -12.75 -12.51 -24.28
CA ARG A 188 -13.36 -11.22 -24.55
C ARG A 188 -12.79 -10.23 -23.55
N THR A 189 -12.69 -8.97 -23.97
CA THR A 189 -12.10 -7.92 -23.15
C THR A 189 -12.98 -6.67 -23.18
N TRP A 190 -13.15 -6.07 -22.00
CA TRP A 190 -13.87 -4.80 -21.84
C TRP A 190 -12.95 -3.75 -21.25
N GLU A 191 -13.04 -2.53 -21.76
CA GLU A 191 -12.32 -1.41 -21.19
C GLU A 191 -13.31 -0.50 -20.48
N THR A 192 -13.16 -0.36 -19.16
CA THR A 192 -13.99 0.57 -18.38
C THR A 192 -13.40 1.97 -18.43
N ASN A 193 -14.10 2.90 -17.77
CA ASN A 193 -13.61 4.24 -17.50
C ASN A 193 -13.51 4.46 -16.00
N ILE A 194 -13.12 3.41 -15.26
CA ILE A 194 -12.93 3.46 -13.82
C ILE A 194 -11.44 3.32 -13.53
N ARG A 195 -10.86 4.31 -12.83
CA ARG A 195 -9.42 4.29 -12.57
C ARG A 195 -9.10 3.23 -11.53
N LYS A 196 -8.28 2.25 -11.93
CA LYS A 196 -8.01 1.12 -11.03
C LYS A 196 -7.35 1.57 -9.75
N GLN A 197 -6.39 2.50 -9.86
N GLN A 197 -6.38 2.48 -9.85
CA GLN A 197 -5.64 2.99 -8.71
CA GLN A 197 -5.66 2.95 -8.68
C GLN A 197 -6.50 3.81 -7.75
C GLN A 197 -6.54 3.74 -7.72
N SER A 198 -7.72 4.16 -8.15
CA SER A 198 -8.62 4.93 -7.29
C SER A 198 -9.53 4.07 -6.43
N VAL A 199 -9.60 2.76 -6.68
CA VAL A 199 -10.51 1.91 -5.91
C VAL A 199 -9.71 0.94 -5.06
N ALA A 200 -10.32 0.49 -3.97
CA ALA A 200 -9.61 -0.34 -3.00
C ALA A 200 -9.39 -1.75 -3.50
N ASN A 201 -10.39 -2.33 -4.15
CA ASN A 201 -10.36 -3.66 -4.74
C ASN A 201 -11.59 -3.77 -5.64
N ALA A 202 -11.79 -4.94 -6.23
CA ALA A 202 -12.89 -5.15 -7.16
C ALA A 202 -13.20 -6.64 -7.22
N PHE A 203 -14.35 -6.96 -7.79
CA PHE A 203 -14.79 -8.35 -7.97
C PHE A 203 -15.93 -8.34 -8.97
N VAL A 204 -16.29 -9.52 -9.47
CA VAL A 204 -17.34 -9.68 -10.48
C VAL A 204 -18.48 -10.50 -9.90
N ILE A 205 -19.73 -10.02 -10.08
CA ILE A 205 -20.91 -10.81 -9.75
C ILE A 205 -21.85 -10.76 -10.94
N CYS A 206 -22.23 -11.93 -11.45
CA CYS A 206 -23.23 -12.01 -12.52
C CYS A 206 -22.88 -11.08 -13.69
N GLY A 207 -21.61 -11.08 -14.07
CA GLY A 207 -21.16 -10.31 -15.21
C GLY A 207 -21.02 -8.83 -14.97
N ILE A 208 -21.16 -8.38 -13.74
CA ILE A 208 -21.02 -6.97 -13.38
C ILE A 208 -19.79 -6.83 -12.51
N LEU A 209 -18.89 -5.93 -12.89
CA LEU A 209 -17.72 -5.61 -12.09
CA LEU A 209 -17.72 -5.62 -12.08
C LEU A 209 -18.08 -4.56 -11.06
N TYR A 210 -17.79 -4.84 -9.80
CA TYR A 210 -18.01 -3.92 -8.69
C TYR A 210 -16.68 -3.50 -8.08
N THR A 211 -16.61 -2.25 -7.62
CA THR A 211 -15.43 -1.74 -6.93
C THR A 211 -15.80 -1.28 -5.53
N VAL A 212 -14.78 -1.23 -4.66
CA VAL A 212 -14.93 -0.79 -3.27
C VAL A 212 -14.16 0.51 -3.09
N SER A 213 -14.75 1.44 -2.34
CA SER A 213 -14.26 2.82 -2.30
C SER A 213 -13.02 3.01 -1.42
N SER A 214 -12.79 2.13 -0.45
CA SER A 214 -11.81 2.36 0.59
C SER A 214 -11.39 1.02 1.16
N TYR A 215 -10.11 0.89 1.52
CA TYR A 215 -9.62 -0.29 2.22
C TYR A 215 -9.55 -0.08 3.72
N SER A 216 -9.84 1.14 4.19
CA SER A 216 -9.64 1.46 5.60
C SER A 216 -10.91 1.88 6.33
N SER A 217 -11.92 2.38 5.62
CA SER A 217 -13.07 2.98 6.29
C SER A 217 -14.06 1.92 6.78
N ALA A 218 -14.63 2.15 7.98
CA ALA A 218 -15.76 1.34 8.43
C ALA A 218 -17.05 1.68 7.69
N HIS A 219 -17.08 2.79 6.95
CA HIS A 219 -18.24 3.21 6.19
C HIS A 219 -17.85 3.47 4.75
N ALA A 220 -17.17 2.48 4.18
CA ALA A 220 -16.91 2.50 2.75
C ALA A 220 -18.19 2.18 1.99
N THR A 221 -18.08 2.18 0.66
CA THR A 221 -19.18 1.76 -0.18
C THR A 221 -18.65 0.88 -1.31
N VAL A 222 -19.53 0.00 -1.79
CA VAL A 222 -19.41 -0.50 -3.16
C VAL A 222 -19.83 0.65 -4.06
N ASN A 223 -18.88 1.25 -4.77
CA ASN A 223 -19.11 2.59 -5.30
C ASN A 223 -19.25 2.67 -6.82
N PHE A 224 -18.91 1.63 -7.56
CA PHE A 224 -19.15 1.58 -9.00
C PHE A 224 -19.59 0.18 -9.40
N ALA A 225 -20.37 0.10 -10.46
CA ALA A 225 -20.73 -1.15 -11.11
C ALA A 225 -20.58 -0.97 -12.60
N TYR A 226 -19.80 -1.84 -13.25
CA TYR A 226 -19.65 -1.85 -14.69
C TYR A 226 -20.27 -3.14 -15.21
N ASP A 227 -21.34 -3.00 -16.01
CA ASP A 227 -22.07 -4.15 -16.53
C ASP A 227 -21.51 -4.57 -17.89
N THR A 228 -20.97 -5.80 -17.97
CA THR A 228 -20.43 -6.29 -19.23
C THR A 228 -21.52 -6.48 -20.29
N LYS A 229 -22.79 -6.60 -19.89
CA LYS A 229 -23.85 -6.75 -20.88
C LYS A 229 -24.06 -5.46 -21.67
N THR A 230 -23.84 -4.30 -21.04
CA THR A 230 -24.06 -3.02 -21.68
C THR A 230 -22.78 -2.24 -21.97
N GLY A 231 -21.66 -2.60 -21.36
CA GLY A 231 -20.46 -1.80 -21.49
C GLY A 231 -20.54 -0.43 -20.84
N THR A 232 -21.32 -0.29 -19.78
CA THR A 232 -21.49 0.99 -19.13
C THR A 232 -21.38 0.83 -17.61
N SER A 233 -21.03 1.93 -16.96
CA SER A 233 -20.91 1.95 -15.50
C SER A 233 -21.93 2.89 -14.88
N LYS A 234 -22.19 2.64 -13.59
CA LYS A 234 -23.02 3.52 -12.78
C LYS A 234 -22.37 3.62 -11.40
N THR A 235 -22.69 4.70 -10.68
CA THR A 235 -22.29 4.78 -9.29
C THR A 235 -23.26 4.00 -8.41
N LEU A 236 -22.74 3.53 -7.28
CA LEU A 236 -23.51 2.90 -6.23
C LEU A 236 -23.10 3.47 -4.88
N THR A 237 -23.91 3.22 -3.86
CA THR A 237 -23.61 3.64 -2.50
C THR A 237 -23.89 2.55 -1.48
N ILE A 238 -23.74 1.28 -1.87
CA ILE A 238 -24.00 0.16 -0.97
C ILE A 238 -22.97 0.12 0.16
N PRO A 239 -23.37 0.17 1.43
CA PRO A 239 -22.38 0.21 2.51
C PRO A 239 -21.48 -1.02 2.53
N PHE A 240 -20.22 -0.79 2.93
CA PHE A 240 -19.21 -1.82 3.02
C PHE A 240 -18.30 -1.51 4.21
N THR A 241 -18.10 -2.48 5.10
CA THR A 241 -17.31 -2.28 6.31
C THR A 241 -15.94 -2.92 6.17
N ASN A 242 -14.87 -2.11 6.30
CA ASN A 242 -13.53 -2.65 6.57
C ASN A 242 -13.37 -2.71 8.08
N ARG A 243 -13.73 -3.86 8.66
N ARG A 243 -13.75 -3.85 8.68
CA ARG A 243 -13.80 -3.98 10.12
CA ARG A 243 -13.82 -3.94 10.13
C ARG A 243 -12.46 -3.74 10.78
C ARG A 243 -12.45 -3.74 10.80
N TYR A 244 -11.37 -4.14 10.13
CA TYR A 244 -10.04 -4.03 10.72
C TYR A 244 -9.18 -2.99 10.00
N LYS A 245 -9.77 -2.25 9.06
N LYS A 245 -9.77 -2.28 9.03
CA LYS A 245 -9.21 -1.02 8.48
CA LYS A 245 -9.22 -1.05 8.46
C LYS A 245 -8.05 -1.24 7.51
C LYS A 245 -7.97 -1.29 7.61
N TYR A 246 -7.83 -2.46 7.01
CA TYR A 246 -6.72 -2.69 6.07
C TYR A 246 -6.99 -3.88 5.14
N SER A 247 -7.94 -3.70 4.23
CA SER A 247 -8.39 -4.79 3.35
C SER A 247 -7.48 -4.88 2.14
N SER A 248 -6.79 -6.01 1.98
CA SER A 248 -5.83 -6.26 0.92
C SER A 248 -6.38 -7.15 -0.19
N MET A 249 -7.55 -7.73 0.01
CA MET A 249 -8.05 -8.78 -0.87
C MET A 249 -9.55 -8.79 -0.70
N ILE A 250 -10.32 -8.62 -1.77
CA ILE A 250 -11.78 -8.74 -1.71
C ILE A 250 -12.22 -9.44 -2.98
N ASP A 251 -12.72 -10.67 -2.85
CA ASP A 251 -13.18 -11.48 -3.97
C ASP A 251 -14.59 -12.00 -3.69
N TYR A 252 -15.21 -12.52 -4.74
CA TYR A 252 -16.56 -13.06 -4.69
C TYR A 252 -16.55 -14.56 -4.97
N ASN A 253 -17.36 -15.29 -4.21
CA ASN A 253 -17.59 -16.72 -4.43
C ASN A 253 -19.03 -16.93 -4.85
N PRO A 254 -19.31 -17.32 -6.10
CA PRO A 254 -20.71 -17.43 -6.56
C PRO A 254 -21.44 -18.66 -6.02
N LEU A 255 -20.73 -19.68 -5.58
CA LEU A 255 -21.40 -20.83 -4.98
C LEU A 255 -21.93 -20.47 -3.60
N GLU A 256 -21.09 -19.83 -2.77
CA GLU A 256 -21.49 -19.42 -1.43
C GLU A 256 -22.30 -18.15 -1.42
N ARG A 257 -22.25 -17.36 -2.49
CA ARG A 257 -22.86 -16.03 -2.52
C ARG A 257 -22.34 -15.19 -1.36
N LYS A 258 -21.02 -15.10 -1.27
CA LYS A 258 -20.34 -14.34 -0.24
C LYS A 258 -19.11 -13.69 -0.84
N LEU A 259 -18.74 -12.54 -0.29
CA LEU A 259 -17.38 -12.04 -0.49
C LEU A 259 -16.44 -12.72 0.50
N PHE A 260 -15.24 -13.04 0.03
CA PHE A 260 -14.14 -13.50 0.86
C PHE A 260 -13.09 -12.41 0.85
N ALA A 261 -12.60 -12.05 2.03
CA ALA A 261 -11.66 -10.93 2.09
C ALA A 261 -10.57 -11.20 3.13
N TRP A 262 -9.50 -10.42 3.01
CA TRP A 262 -8.41 -10.42 3.97
C TRP A 262 -8.21 -8.99 4.45
N ASP A 263 -8.36 -8.78 5.75
CA ASP A 263 -8.41 -7.45 6.33
C ASP A 263 -7.57 -7.47 7.60
N ASN A 264 -6.38 -6.86 7.54
CA ASN A 264 -5.49 -6.67 8.69
C ASN A 264 -5.42 -7.91 9.58
N PHE A 265 -4.87 -9.00 9.04
CA PHE A 265 -4.65 -10.29 9.67
C PHE A 265 -5.89 -11.17 9.68
N ASN A 266 -7.07 -10.67 9.33
CA ASN A 266 -8.32 -11.41 9.52
C ASN A 266 -8.86 -11.91 8.19
N MET A 267 -9.13 -13.21 8.12
CA MET A 267 -9.81 -13.84 6.99
C MET A 267 -11.31 -13.80 7.28
N VAL A 268 -12.05 -13.04 6.47
CA VAL A 268 -13.45 -12.74 6.74
C VAL A 268 -14.30 -13.04 5.51
N THR A 269 -15.60 -13.22 5.76
CA THR A 269 -16.61 -13.30 4.71
C THR A 269 -17.71 -12.28 4.93
N TYR A 270 -18.32 -11.85 3.83
CA TYR A 270 -19.48 -10.97 3.82
C TYR A 270 -20.59 -11.67 3.05
N ASP A 271 -21.75 -11.86 3.67
CA ASP A 271 -22.90 -12.33 2.91
C ASP A 271 -23.30 -11.26 1.89
N ILE A 272 -23.83 -11.69 0.75
CA ILE A 272 -24.38 -10.73 -0.19
C ILE A 272 -25.75 -11.19 -0.65
N LYS A 273 -26.53 -10.21 -1.12
CA LYS A 273 -27.83 -10.47 -1.71
C LYS A 273 -27.95 -9.78 -3.05
N LEU A 274 -28.58 -10.45 -4.00
CA LEU A 274 -28.80 -9.96 -5.35
C LEU A 274 -30.28 -9.74 -5.61
N LEU A 275 -30.56 -8.86 -6.57
CA LEU A 275 -31.94 -8.61 -7.00
C LEU A 275 -32.25 -9.40 -8.26
N GLY B 17 24.13 27.25 -0.66
CA GLY B 17 23.10 28.11 -1.20
C GLY B 17 21.92 27.34 -1.77
N CYS B 18 20.74 27.96 -1.73
CA CYS B 18 19.53 27.28 -2.20
C CYS B 18 19.37 27.38 -3.71
N GLY B 19 18.59 26.44 -4.24
CA GLY B 19 18.26 26.43 -5.65
C GLY B 19 17.31 25.30 -5.95
N ALA B 20 16.93 25.22 -7.22
CA ALA B 20 16.06 24.14 -7.69
C ALA B 20 16.82 22.83 -7.75
N LEU B 21 16.10 21.73 -7.51
CA LEU B 21 16.67 20.40 -7.66
C LEU B 21 16.98 20.13 -9.13
N VAL B 22 18.18 19.65 -9.41
CA VAL B 22 18.52 19.30 -10.79
C VAL B 22 18.99 17.86 -10.94
N TRP B 23 19.39 17.17 -9.87
CA TRP B 23 19.98 15.85 -10.01
C TRP B 23 19.80 15.08 -8.71
N VAL B 24 19.50 13.79 -8.84
CA VAL B 24 19.42 12.84 -7.73
C VAL B 24 20.39 11.71 -8.02
N GLY B 25 21.25 11.39 -7.06
CA GLY B 25 22.16 10.28 -7.21
C GLY B 25 21.49 8.93 -7.04
N GLU B 26 22.28 7.87 -7.21
CA GLU B 26 21.77 6.54 -7.01
C GLU B 26 21.77 6.18 -5.52
N PRO B 27 20.81 5.36 -5.08
CA PRO B 27 20.70 5.08 -3.64
C PRO B 27 21.89 4.29 -3.11
N VAL B 28 22.35 4.71 -1.94
CA VAL B 28 23.41 4.04 -1.19
C VAL B 28 22.75 3.39 0.03
N THR B 29 22.99 2.10 0.23
CA THR B 29 22.34 1.36 1.32
C THR B 29 23.23 1.40 2.56
N LEU B 30 22.68 1.96 3.65
CA LEU B 30 23.40 2.05 4.92
C LEU B 30 23.08 0.89 5.86
N ARG B 31 21.84 0.40 5.86
CA ARG B 31 21.45 -0.69 6.74
C ARG B 31 20.29 -1.44 6.11
N THR B 32 20.28 -2.76 6.25
CA THR B 32 19.18 -3.58 5.81
C THR B 32 18.53 -4.22 7.03
N ALA B 33 17.25 -3.95 7.22
CA ALA B 33 16.51 -4.54 8.34
C ALA B 33 16.43 -6.05 8.16
N GLU B 34 16.49 -6.77 9.27
CA GLU B 34 16.64 -8.22 9.22
C GLU B 34 15.35 -8.97 9.57
N THR B 35 14.28 -8.26 9.90
CA THR B 35 12.99 -8.89 10.17
C THR B 35 11.92 -8.23 9.32
N ILE B 36 10.83 -8.96 9.11
CA ILE B 36 9.72 -8.44 8.33
C ILE B 36 9.11 -7.20 8.97
N ALA B 37 9.28 -7.01 10.28
CA ALA B 37 8.83 -5.77 10.93
C ALA B 37 9.56 -4.55 10.41
N GLY B 38 10.68 -4.74 9.72
CA GLY B 38 11.42 -3.62 9.16
C GLY B 38 11.25 -3.44 7.67
N LYS B 39 10.19 -4.00 7.09
CA LYS B 39 9.98 -3.85 5.64
C LYS B 39 9.81 -2.39 5.27
N TYR B 40 9.14 -1.63 6.14
CA TYR B 40 9.02 -0.19 5.98
C TYR B 40 9.18 0.49 7.34
N GLY B 41 9.46 1.78 7.29
CA GLY B 41 9.75 2.53 8.50
C GLY B 41 10.24 3.91 8.12
N VAL B 42 10.77 4.61 9.12
CA VAL B 42 11.42 5.90 8.89
C VAL B 42 12.73 5.93 9.65
N TRP B 43 13.78 6.49 9.02
CA TRP B 43 15.04 6.75 9.70
C TRP B 43 15.52 8.13 9.28
N MET B 44 16.33 8.78 10.12
CA MET B 44 16.62 10.19 9.88
C MET B 44 17.75 10.66 10.79
N ARG B 45 18.35 11.76 10.38
CA ARG B 45 19.23 12.54 11.24
C ARG B 45 18.60 13.92 11.43
N ASP B 46 19.17 14.68 12.35
CA ASP B 46 18.64 16.01 12.68
C ASP B 46 19.37 17.07 11.86
N PRO B 47 18.69 17.79 10.95
CA PRO B 47 19.37 18.83 10.18
C PRO B 47 19.77 20.05 11.02
N LYS B 48 19.25 20.16 12.24
CA LYS B 48 19.65 21.21 13.18
C LYS B 48 20.00 20.55 14.50
N PRO B 49 21.11 19.83 14.55
CA PRO B 49 21.43 19.05 15.75
C PRO B 49 21.61 19.95 16.96
N THR B 50 21.20 19.45 18.11
CA THR B 50 21.32 20.19 19.36
C THR B 50 21.89 19.27 20.42
N HIS B 51 22.69 19.87 21.33
CA HIS B 51 23.23 19.12 22.45
C HIS B 51 22.12 18.34 23.15
N PRO B 52 22.36 17.08 23.53
CA PRO B 52 23.62 16.34 23.49
C PRO B 52 23.86 15.53 22.20
N TYR B 53 23.08 15.82 21.16
CA TYR B 53 23.22 15.12 19.89
C TYR B 53 24.23 15.83 19.00
N THR B 54 24.64 15.12 17.94
CA THR B 54 25.55 15.65 16.94
C THR B 54 24.97 15.37 15.57
N GLN B 55 25.67 15.85 14.53
CA GLN B 55 25.22 15.55 13.18
C GLN B 55 25.37 14.08 12.83
N GLU B 56 26.09 13.30 13.63
CA GLU B 56 26.16 11.85 13.39
C GLU B 56 25.00 11.09 14.02
N SER B 57 24.26 11.71 14.93
CA SER B 57 23.17 11.00 15.61
C SER B 57 22.13 10.55 14.59
N THR B 58 21.64 9.32 14.76
CA THR B 58 20.66 8.75 13.83
C THR B 58 19.51 8.16 14.62
N TRP B 59 18.30 8.26 14.08
CA TRP B 59 17.13 7.64 14.68
C TRP B 59 16.47 6.70 13.66
N ARG B 60 15.83 5.64 14.19
CA ARG B 60 15.24 4.62 13.32
C ARG B 60 13.98 4.09 13.97
N ILE B 61 12.90 3.96 13.19
CA ILE B 61 11.62 3.46 13.67
C ILE B 61 11.10 2.47 12.63
N ASP B 62 11.08 1.17 12.98
CA ASP B 62 10.37 0.18 12.18
C ASP B 62 8.86 0.41 12.34
N THR B 63 8.08 0.40 11.24
CA THR B 63 6.69 0.78 11.38
C THR B 63 5.69 -0.22 10.78
N VAL B 64 6.09 -1.49 10.57
CA VAL B 64 5.14 -2.47 10.04
C VAL B 64 4.19 -2.97 11.12
N GLY B 65 4.67 -3.08 12.35
CA GLY B 65 3.86 -3.60 13.44
C GLY B 65 2.78 -2.65 13.92
N THR B 66 2.05 -3.12 14.93
CA THR B 66 1.06 -2.32 15.63
C THR B 66 1.68 -1.72 16.88
N GLU B 67 1.03 -0.68 17.40
CA GLU B 67 1.41 -0.04 18.66
C GLU B 67 2.87 0.38 18.62
N ILE B 68 3.25 1.11 17.57
CA ILE B 68 4.64 1.52 17.39
C ILE B 68 4.95 2.59 18.43
N ARG B 69 5.87 2.27 19.36
CA ARG B 69 6.18 3.16 20.47
C ARG B 69 7.67 3.31 20.73
N GLN B 70 8.53 2.54 20.09
CA GLN B 70 9.95 2.56 20.39
C GLN B 70 10.72 3.22 19.27
N VAL B 71 11.59 4.16 19.64
CA VAL B 71 12.44 4.88 18.70
C VAL B 71 13.88 4.53 19.04
N PHE B 72 14.58 3.96 18.06
CA PHE B 72 15.97 3.56 18.26
C PHE B 72 16.89 4.75 17.94
N GLU B 73 17.89 4.95 18.79
CA GLU B 73 18.82 6.06 18.64
C GLU B 73 20.24 5.54 18.59
N TYR B 74 21.05 6.10 17.68
CA TYR B 74 22.43 5.67 17.49
C TYR B 74 23.32 6.91 17.56
N SER B 75 24.28 6.90 18.46
CA SER B 75 25.15 8.05 18.62
C SER B 75 26.22 8.15 17.54
N GLN B 76 26.53 7.05 16.85
CA GLN B 76 27.55 7.02 15.82
C GLN B 76 27.01 6.28 14.60
N ILE B 77 27.41 6.74 13.42
CA ILE B 77 26.92 6.12 12.19
C ILE B 77 27.33 4.64 12.14
N SER B 78 28.53 4.32 12.63
CA SER B 78 28.97 2.92 12.61
C SER B 78 28.05 2.03 13.44
N GLN B 79 27.53 2.56 14.55
CA GLN B 79 26.56 1.82 15.35
C GLN B 79 25.28 1.58 14.56
N PHE B 80 24.82 2.58 13.82
CA PHE B 80 23.64 2.42 12.99
C PHE B 80 23.86 1.36 11.93
N GLU B 81 25.03 1.40 11.27
CA GLU B 81 25.30 0.44 10.20
C GLU B 81 25.37 -0.98 10.72
N GLN B 82 25.79 -1.17 11.97
CA GLN B 82 25.89 -2.50 12.57
C GLN B 82 24.63 -2.92 13.31
N GLY B 83 23.64 -2.03 13.44
CA GLY B 83 22.38 -2.39 14.06
C GLY B 83 22.36 -2.39 15.58
N TYR B 84 23.20 -1.57 16.22
CA TYR B 84 23.31 -1.53 17.68
C TYR B 84 22.93 -0.16 18.23
N PRO B 85 21.68 0.06 18.65
CA PRO B 85 21.30 1.36 19.20
C PRO B 85 22.05 1.66 20.48
N SER B 86 22.34 2.94 20.70
CA SER B 86 22.90 3.38 21.97
C SER B 86 21.82 3.76 22.97
N LYS B 87 20.63 4.16 22.50
CA LYS B 87 19.50 4.44 23.36
C LYS B 87 18.23 3.98 22.65
N VAL B 88 17.20 3.74 23.45
CA VAL B 88 15.85 3.48 22.95
C VAL B 88 14.90 4.38 23.71
N HIS B 89 14.06 5.12 22.98
CA HIS B 89 13.05 5.98 23.58
C HIS B 89 11.69 5.30 23.49
N VAL B 90 10.90 5.41 24.55
CA VAL B 90 9.53 4.93 24.55
C VAL B 90 8.60 6.13 24.42
N LEU B 91 7.82 6.16 23.34
CA LEU B 91 6.84 7.23 23.17
C LEU B 91 5.64 7.00 24.07
N PRO B 92 5.05 8.07 24.60
CA PRO B 92 3.90 7.91 25.51
C PRO B 92 2.60 7.57 24.79
N ARG B 93 2.58 7.69 23.48
CA ARG B 93 1.46 7.22 22.67
C ARG B 93 2.01 6.61 21.39
N ALA B 94 1.18 5.84 20.71
CA ALA B 94 1.62 5.14 19.51
C ALA B 94 1.74 6.10 18.33
N LEU B 95 2.62 5.74 17.41
CA LEU B 95 2.97 6.53 16.24
C LEU B 95 2.37 5.90 14.98
N GLU B 96 2.01 6.75 14.01
CA GLU B 96 1.38 6.29 12.77
C GLU B 96 2.31 6.49 11.58
N SER B 97 2.50 5.42 10.80
CA SER B 97 3.09 5.49 9.47
C SER B 97 4.53 5.97 9.46
N THR B 98 4.99 6.45 8.29
CA THR B 98 6.41 6.69 8.05
C THR B 98 6.78 8.17 7.95
N GLY B 99 5.85 9.08 8.20
CA GLY B 99 6.09 10.48 7.86
C GLY B 99 6.89 11.31 8.85
N ALA B 100 7.34 10.76 9.97
CA ALA B 100 7.94 11.56 11.03
C ALA B 100 9.29 12.14 10.61
N VAL B 101 9.70 13.21 11.32
CA VAL B 101 11.01 13.84 11.16
C VAL B 101 11.60 14.13 12.53
N VAL B 102 12.91 14.36 12.57
CA VAL B 102 13.59 14.93 13.74
C VAL B 102 14.07 16.32 13.37
N TYR B 103 13.88 17.27 14.29
CA TYR B 103 14.26 18.65 13.99
C TYR B 103 14.57 19.36 15.31
N ALA B 104 15.80 19.89 15.40
CA ALA B 104 16.23 20.72 16.52
C ALA B 104 15.95 20.04 17.86
N GLY B 105 16.22 18.74 17.91
CA GLY B 105 16.16 17.97 19.14
C GLY B 105 14.84 17.32 19.45
N SER B 106 13.84 17.46 18.59
CA SER B 106 12.53 16.85 18.83
C SER B 106 12.16 15.92 17.69
N LEU B 107 11.51 14.82 18.04
CA LEU B 107 10.82 13.99 17.07
C LEU B 107 9.42 14.55 16.86
N TYR B 108 9.06 14.82 15.61
CA TYR B 108 7.72 15.24 15.25
C TYR B 108 7.05 14.06 14.55
N PHE B 109 5.97 13.56 15.13
CA PHE B 109 5.33 12.37 14.59
C PHE B 109 3.82 12.49 14.70
N GLN B 110 3.13 11.64 13.96
CA GLN B 110 1.68 11.60 13.94
C GLN B 110 1.19 10.57 14.94
N GLY B 111 0.27 10.99 15.82
CA GLY B 111 -0.35 10.03 16.72
C GLY B 111 -1.17 8.99 15.97
N ALA B 112 -1.10 7.74 16.45
CA ALA B 112 -1.87 6.67 15.83
C ALA B 112 -3.34 7.01 15.79
N GLU B 113 -3.99 6.70 14.66
CA GLU B 113 -5.43 6.92 14.47
C GLU B 113 -5.83 8.34 14.81
N SER B 114 -5.03 9.31 14.36
CA SER B 114 -5.29 10.70 14.64
C SER B 114 -4.74 11.55 13.50
N ARG B 115 -5.16 12.81 13.46
CA ARG B 115 -4.51 13.82 12.64
C ARG B 115 -3.71 14.79 13.50
N THR B 116 -3.18 14.29 14.61
CA THR B 116 -2.44 15.12 15.57
C THR B 116 -0.94 14.91 15.40
N VAL B 117 -0.22 16.00 15.21
CA VAL B 117 1.24 15.98 15.21
C VAL B 117 1.71 16.25 16.63
N VAL B 118 2.67 15.44 17.09
CA VAL B 118 3.19 15.48 18.44
C VAL B 118 4.66 15.88 18.37
N ARG B 119 5.06 16.83 19.21
CA ARG B 119 6.47 17.21 19.37
C ARG B 119 7.00 16.52 20.63
N TYR B 120 7.95 15.61 20.44
CA TYR B 120 8.56 14.82 21.52
C TYR B 120 10.02 15.24 21.63
N GLU B 121 10.37 15.94 22.71
CA GLU B 121 11.75 16.35 22.94
C GLU B 121 12.58 15.13 23.36
N LEU B 122 13.60 14.81 22.56
CA LEU B 122 14.28 13.53 22.70
C LEU B 122 15.10 13.44 23.99
N ASP B 123 15.80 14.52 24.35
CA ASP B 123 16.70 14.41 25.50
C ASP B 123 15.94 14.37 26.83
N THR B 124 14.79 15.02 26.91
CA THR B 124 13.97 15.01 28.12
C THR B 124 12.85 13.98 28.05
N GLU B 125 12.64 13.35 26.90
CA GLU B 125 11.56 12.38 26.69
C GLU B 125 10.22 12.96 27.10
N THR B 126 9.96 14.19 26.67
CA THR B 126 8.78 14.93 27.07
C THR B 126 8.02 15.43 25.86
N VAL B 127 6.70 15.29 25.90
CA VAL B 127 5.85 15.87 24.87
C VAL B 127 5.73 17.36 25.13
N LYS B 128 6.20 18.18 24.19
CA LYS B 128 6.24 19.62 24.37
C LYS B 128 5.15 20.36 23.61
N ALA B 129 4.48 19.70 22.66
CA ALA B 129 3.44 20.34 21.88
C ALA B 129 2.66 19.25 21.16
N GLU B 130 1.38 19.55 20.90
CA GLU B 130 0.51 18.69 20.09
C GLU B 130 -0.38 19.61 19.27
N LYS B 131 -0.68 19.21 18.04
CA LYS B 131 -1.50 20.05 17.16
C LYS B 131 -2.31 19.18 16.22
N GLU B 132 -3.62 19.35 16.24
CA GLU B 132 -4.48 18.75 15.22
C GLU B 132 -4.32 19.56 13.92
N ILE B 133 -3.95 18.89 12.84
CA ILE B 133 -3.79 19.59 11.56
C ILE B 133 -5.17 19.81 10.96
N PRO B 134 -5.65 21.05 10.86
CA PRO B 134 -7.07 21.26 10.54
C PRO B 134 -7.46 20.66 9.19
N GLY B 135 -8.52 19.85 9.23
CA GLY B 135 -9.08 19.24 8.04
C GLY B 135 -8.30 18.07 7.46
N ALA B 136 -7.15 17.72 8.02
CA ALA B 136 -6.32 16.71 7.39
C ALA B 136 -7.00 15.34 7.40
N GLY B 137 -7.00 14.68 6.26
CA GLY B 137 -7.36 13.29 6.23
C GLY B 137 -6.33 12.42 6.93
N TYR B 138 -6.78 11.30 7.47
CA TYR B 138 -5.85 10.39 8.12
C TYR B 138 -6.37 8.97 8.05
N HIS B 139 -5.44 8.02 8.24
CA HIS B 139 -5.73 6.59 8.35
C HIS B 139 -6.28 6.02 7.05
N GLY B 140 -5.56 6.28 5.96
CA GLY B 140 -5.95 5.73 4.67
C GLY B 140 -6.97 6.54 3.90
N HIS B 141 -7.09 7.83 4.20
CA HIS B 141 -8.00 8.72 3.49
C HIS B 141 -7.31 9.40 2.31
N PHE B 142 -6.17 10.05 2.57
CA PHE B 142 -5.34 10.63 1.51
C PHE B 142 -3.92 10.08 1.60
N PRO B 143 -3.73 8.76 1.54
CA PRO B 143 -2.36 8.22 1.50
C PRO B 143 -1.68 8.59 0.19
N TYR B 144 -0.36 8.42 0.18
CA TYR B 144 0.36 8.41 -1.08
C TYR B 144 -0.05 7.16 -1.87
N ALA B 145 0.43 7.09 -3.12
CA ALA B 145 0.15 5.93 -3.96
C ALA B 145 0.60 4.63 -3.30
N TRP B 146 1.65 4.71 -2.47
CA TRP B 146 2.14 3.54 -1.76
C TRP B 146 1.08 2.93 -0.84
N GLY B 147 0.14 3.74 -0.38
CA GLY B 147 -0.97 3.23 0.40
C GLY B 147 -0.74 3.28 1.89
N GLY B 148 -1.21 2.25 2.59
CA GLY B 148 -1.08 2.28 4.03
C GLY B 148 -1.81 3.48 4.61
N TYR B 149 -1.20 4.07 5.62
CA TYR B 149 -1.76 5.20 6.33
C TYR B 149 -0.85 6.42 6.19
N THR B 150 -0.33 6.62 4.97
CA THR B 150 0.70 7.63 4.68
C THR B 150 0.11 9.03 4.43
N ASP B 151 -1.05 9.29 5.03
CA ASP B 151 -1.81 10.54 4.86
C ASP B 151 -1.03 11.81 5.22
N ILE B 152 -0.15 11.76 6.23
CA ILE B 152 0.42 12.97 6.80
C ILE B 152 1.95 12.79 6.83
N ASP B 153 2.66 13.70 6.18
CA ASP B 153 4.10 13.55 5.93
C ASP B 153 4.80 14.83 6.38
N LEU B 154 5.60 14.73 7.45
CA LEU B 154 6.34 15.92 7.90
C LEU B 154 7.60 16.09 7.06
N ALA B 155 8.12 17.32 7.04
CA ALA B 155 9.27 17.62 6.20
C ALA B 155 10.10 18.73 6.83
N VAL B 156 11.42 18.62 6.69
CA VAL B 156 12.34 19.68 7.10
C VAL B 156 13.06 20.18 5.85
N ASP B 157 13.15 21.50 5.70
CA ASP B 157 14.04 22.04 4.66
C ASP B 157 14.89 23.16 5.27
N GLU B 158 15.56 23.91 4.39
CA GLU B 158 16.49 24.95 4.80
C GLU B 158 15.84 26.03 5.68
N SER B 159 14.51 26.18 5.63
CA SER B 159 13.82 27.21 6.39
C SER B 159 13.02 26.66 7.56
N GLY B 160 13.01 25.35 7.78
CA GLY B 160 12.35 24.81 8.95
C GLY B 160 11.39 23.67 8.69
N LEU B 161 10.29 23.64 9.43
CA LEU B 161 9.41 22.49 9.54
C LEU B 161 8.12 22.69 8.74
N TRP B 162 7.68 21.62 8.07
CA TRP B 162 6.49 21.64 7.22
C TRP B 162 5.70 20.37 7.44
N VAL B 163 4.44 20.38 6.99
CA VAL B 163 3.65 19.15 6.95
C VAL B 163 2.88 19.10 5.63
N ILE B 164 2.85 17.90 5.05
CA ILE B 164 2.21 17.60 3.77
C ILE B 164 1.02 16.69 4.03
N TYR B 165 -0.15 17.04 3.49
CA TYR B 165 -1.38 16.32 3.79
C TYR B 165 -2.39 16.64 2.69
N SER B 166 -3.64 16.23 2.90
CA SER B 166 -4.73 16.76 2.09
C SER B 166 -5.97 16.89 2.95
N THR B 167 -7.01 17.49 2.36
CA THR B 167 -8.28 17.76 3.02
C THR B 167 -9.39 17.52 2.03
N GLU B 168 -10.62 17.35 2.56
CA GLU B 168 -11.77 17.25 1.68
C GLU B 168 -12.01 18.56 0.93
N GLU B 169 -11.75 19.70 1.56
CA GLU B 169 -11.87 20.98 0.88
C GLU B 169 -10.94 21.05 -0.33
N ALA B 170 -9.73 20.49 -0.19
CA ALA B 170 -8.77 20.47 -1.29
C ALA B 170 -9.01 19.31 -2.26
N LYS B 171 -9.99 18.45 -1.99
CA LYS B 171 -10.39 17.41 -2.94
C LYS B 171 -9.23 16.45 -3.24
N GLY B 172 -8.42 16.16 -2.23
CA GLY B 172 -7.30 15.25 -2.39
C GLY B 172 -6.02 15.85 -2.93
N ALA B 173 -6.01 17.13 -3.29
CA ALA B 173 -4.76 17.75 -3.72
C ALA B 173 -3.85 17.97 -2.54
N ILE B 174 -2.54 17.90 -2.79
CA ILE B 174 -1.57 18.11 -1.72
C ILE B 174 -1.76 19.50 -1.13
N VAL B 175 -1.88 19.55 0.20
CA VAL B 175 -1.84 20.78 0.97
C VAL B 175 -0.53 20.80 1.75
N LEU B 176 0.09 21.97 1.83
CA LEU B 176 1.40 22.13 2.44
C LEU B 176 1.32 23.27 3.44
N SER B 177 1.73 23.01 4.68
CA SER B 177 1.73 24.04 5.71
C SER B 177 3.09 24.14 6.38
N LYS B 178 3.52 25.38 6.63
CA LYS B 178 4.71 25.65 7.43
C LYS B 178 4.33 25.68 8.91
N LEU B 179 5.15 25.02 9.74
CA LEU B 179 4.85 24.85 11.16
C LEU B 179 5.86 25.59 12.04
N ASN B 180 5.35 26.22 13.08
CA ASN B 180 6.20 26.68 14.17
C ASN B 180 6.77 25.48 14.90
N PRO B 181 8.10 25.31 14.97
CA PRO B 181 8.63 24.10 15.60
C PRO B 181 8.46 24.05 17.11
N ALA B 182 8.19 25.19 17.75
CA ALA B 182 8.06 25.16 19.21
C ALA B 182 6.67 24.72 19.64
N ASN B 183 5.63 25.30 19.04
CA ASN B 183 4.27 25.05 19.48
C ASN B 183 3.36 24.47 18.40
N LEU B 184 3.90 24.21 17.21
CA LEU B 184 3.20 23.53 16.11
C LEU B 184 2.06 24.36 15.51
N GLU B 185 2.02 25.66 15.79
CA GLU B 185 1.06 26.50 15.08
C GLU B 185 1.35 26.51 13.58
N LEU B 186 0.28 26.55 12.79
CA LEU B 186 0.39 26.65 11.33
C LEU B 186 0.65 28.10 10.95
N GLU B 187 1.80 28.35 10.32
CA GLU B 187 2.17 29.73 9.98
C GLU B 187 1.65 30.16 8.62
N ARG B 188 1.56 29.24 7.67
CA ARG B 188 1.12 29.53 6.32
C ARG B 188 0.77 28.22 5.65
N THR B 189 -0.21 28.26 4.76
CA THR B 189 -0.71 27.08 4.07
C THR B 189 -0.84 27.35 2.58
N TRP B 190 -0.44 26.36 1.77
CA TRP B 190 -0.56 26.41 0.32
C TRP B 190 -1.41 25.22 -0.14
N GLU B 191 -2.31 25.46 -1.09
CA GLU B 191 -3.07 24.38 -1.71
C GLU B 191 -2.55 24.16 -3.13
N THR B 192 -1.98 22.99 -3.38
CA THR B 192 -1.56 22.64 -4.74
C THR B 192 -2.75 22.09 -5.54
N ASN B 193 -2.47 21.71 -6.79
CA ASN B 193 -3.40 20.94 -7.60
C ASN B 193 -2.69 19.66 -8.07
N ILE B 194 -1.91 19.06 -7.17
CA ILE B 194 -1.26 17.77 -7.37
C ILE B 194 -1.97 16.75 -6.49
N ARG B 195 -2.51 15.69 -7.10
CA ARG B 195 -3.27 14.70 -6.34
C ARG B 195 -2.32 13.86 -5.49
N LYS B 196 -2.51 13.93 -4.16
CA LYS B 196 -1.57 13.27 -3.25
C LYS B 196 -1.54 11.78 -3.48
N GLN B 197 -2.71 11.17 -3.69
N GLN B 197 -2.70 11.16 -3.70
CA GLN B 197 -2.81 9.73 -3.89
CA GLN B 197 -2.77 9.71 -3.87
C GLN B 197 -2.19 9.26 -5.19
C GLN B 197 -2.10 9.27 -5.17
N SER B 198 -1.83 10.19 -6.09
CA SER B 198 -1.21 9.84 -7.37
C SER B 198 0.30 9.80 -7.32
N VAL B 199 0.93 10.28 -6.24
CA VAL B 199 2.38 10.31 -6.19
C VAL B 199 2.86 9.34 -5.11
N ALA B 200 4.10 8.87 -5.27
CA ALA B 200 4.63 7.84 -4.37
C ALA B 200 5.00 8.41 -3.00
N ASN B 201 5.59 9.60 -2.98
CA ASN B 201 5.97 10.32 -1.77
C ASN B 201 6.31 11.74 -2.21
N ALA B 202 6.75 12.55 -1.24
CA ALA B 202 7.06 13.95 -1.51
C ALA B 202 8.01 14.45 -0.45
N PHE B 203 8.62 15.61 -0.72
CA PHE B 203 9.55 16.25 0.21
C PHE B 203 9.73 17.68 -0.24
N VAL B 204 10.33 18.51 0.63
CA VAL B 204 10.53 19.93 0.34
C VAL B 204 12.02 20.24 0.28
N ILE B 205 12.43 20.99 -0.74
CA ILE B 205 13.79 21.50 -0.82
C ILE B 205 13.72 22.98 -1.17
N CYS B 206 14.32 23.82 -0.34
CA CYS B 206 14.41 25.26 -0.62
C CYS B 206 13.04 25.86 -0.96
N GLY B 207 12.03 25.47 -0.20
CA GLY B 207 10.70 26.02 -0.37
C GLY B 207 9.93 25.47 -1.54
N ILE B 208 10.45 24.45 -2.22
CA ILE B 208 9.77 23.82 -3.35
C ILE B 208 9.40 22.40 -2.94
N LEU B 209 8.13 22.06 -3.12
N LEU B 209 8.14 22.04 -3.15
CA LEU B 209 7.66 20.70 -2.90
CA LEU B 209 7.65 20.70 -2.88
C LEU B 209 7.91 19.88 -4.15
C LEU B 209 7.82 19.83 -4.12
N TYR B 210 8.55 18.72 -3.98
CA TYR B 210 8.79 17.77 -5.06
C TYR B 210 8.04 16.48 -4.78
N THR B 211 7.58 15.82 -5.85
CA THR B 211 6.93 14.53 -5.73
C THR B 211 7.69 13.49 -6.55
N VAL B 212 7.48 12.22 -6.18
CA VAL B 212 8.10 11.08 -6.87
C VAL B 212 7.01 10.26 -7.56
N SER B 213 7.29 9.81 -8.78
CA SER B 213 6.25 9.24 -9.64
C SER B 213 5.85 7.82 -9.28
N SER B 214 6.71 7.06 -8.62
CA SER B 214 6.53 5.62 -8.45
C SER B 214 7.31 5.18 -7.23
N TYR B 215 6.75 4.21 -6.50
CA TYR B 215 7.47 3.60 -5.39
C TYR B 215 8.15 2.30 -5.80
N SER B 216 7.93 1.83 -7.02
CA SER B 216 8.39 0.51 -7.42
C SER B 216 9.36 0.51 -8.59
N SER B 217 9.35 1.56 -9.41
CA SER B 217 10.12 1.55 -10.65
C SER B 217 11.59 1.90 -10.43
N ALA B 218 12.48 1.19 -11.14
CA ALA B 218 13.88 1.59 -11.17
C ALA B 218 14.10 2.82 -12.03
N HIS B 219 13.11 3.23 -12.81
CA HIS B 219 13.20 4.40 -13.67
C HIS B 219 12.03 5.32 -13.40
N ALA B 220 11.82 5.60 -12.12
CA ALA B 220 10.87 6.62 -11.74
C ALA B 220 11.43 8.01 -12.04
N THR B 221 10.63 9.03 -11.76
CA THR B 221 11.09 10.40 -11.85
C THR B 221 10.62 11.20 -10.66
N VAL B 222 11.38 12.25 -10.34
CA VAL B 222 10.83 13.38 -9.60
C VAL B 222 9.99 14.13 -10.62
N ASN B 223 8.66 14.09 -10.46
CA ASN B 223 7.78 14.39 -11.59
C ASN B 223 6.99 15.69 -11.46
N PHE B 224 6.94 16.30 -10.27
CA PHE B 224 6.33 17.62 -10.11
C PHE B 224 7.16 18.44 -9.14
N ALA B 225 7.12 19.75 -9.32
CA ALA B 225 7.68 20.72 -8.39
C ALA B 225 6.64 21.83 -8.18
N TYR B 226 6.29 22.08 -6.93
CA TYR B 226 5.39 23.18 -6.56
C TYR B 226 6.20 24.19 -5.76
N ASP B 227 6.35 25.39 -6.31
CA ASP B 227 7.15 26.45 -5.69
C ASP B 227 6.29 27.31 -4.77
N THR B 228 6.60 27.31 -3.46
CA THR B 228 5.82 28.15 -2.54
C THR B 228 6.03 29.63 -2.79
N LYS B 229 7.12 30.02 -3.46
CA LYS B 229 7.34 31.44 -3.75
C LYS B 229 6.34 31.96 -4.79
N THR B 230 5.89 31.10 -5.70
CA THR B 230 4.98 31.51 -6.76
C THR B 230 3.59 30.91 -6.66
N GLY B 231 3.42 29.86 -5.86
CA GLY B 231 2.14 29.16 -5.82
C GLY B 231 1.79 28.42 -7.08
N THR B 232 2.79 27.97 -7.85
CA THR B 232 2.56 27.29 -9.11
C THR B 232 3.40 26.02 -9.18
N SER B 233 2.94 25.08 -9.99
CA SER B 233 3.67 23.83 -10.20
C SER B 233 4.13 23.70 -11.64
N LYS B 234 5.12 22.82 -11.82
CA LYS B 234 5.59 22.42 -13.14
C LYS B 234 5.93 20.95 -13.10
N THR B 235 5.93 20.33 -14.28
CA THR B 235 6.40 18.96 -14.39
C THR B 235 7.93 18.91 -14.45
N LEU B 236 8.47 17.79 -13.97
CA LEU B 236 9.89 17.49 -14.08
C LEU B 236 10.04 16.05 -14.55
N THR B 237 11.26 15.72 -14.99
CA THR B 237 11.58 14.35 -15.41
C THR B 237 12.92 13.88 -14.85
N ILE B 238 13.30 14.35 -13.67
CA ILE B 238 14.58 13.97 -13.06
C ILE B 238 14.56 12.50 -12.66
N PRO B 239 15.48 11.67 -13.14
CA PRO B 239 15.43 10.24 -12.83
C PRO B 239 15.55 9.96 -11.34
N PHE B 240 14.85 8.91 -10.91
CA PHE B 240 14.84 8.46 -9.52
C PHE B 240 14.74 6.95 -9.49
N THR B 241 15.64 6.29 -8.78
CA THR B 241 15.69 4.84 -8.72
C THR B 241 15.08 4.33 -7.42
N ASN B 242 14.05 3.49 -7.51
CA ASN B 242 13.64 2.64 -6.37
C ASN B 242 14.41 1.32 -6.50
N ARG B 243 15.57 1.27 -5.86
N ARG B 243 15.59 1.26 -5.88
CA ARG B 243 16.49 0.16 -6.08
CA ARG B 243 16.49 0.14 -6.10
C ARG B 243 15.87 -1.18 -5.67
C ARG B 243 15.89 -1.18 -5.66
N TYR B 244 15.05 -1.18 -4.63
CA TYR B 244 14.47 -2.40 -4.09
C TYR B 244 12.97 -2.47 -4.32
N LYS B 245 12.42 -1.52 -5.07
CA LYS B 245 11.08 -1.56 -5.68
C LYS B 245 9.93 -1.43 -4.67
N TYR B 246 10.17 -0.86 -3.49
CA TYR B 246 9.07 -0.66 -2.53
C TYR B 246 9.39 0.47 -1.55
N SER B 247 9.41 1.70 -2.03
CA SER B 247 9.81 2.84 -1.21
C SER B 247 8.61 3.36 -0.43
N SER B 248 8.72 3.33 0.90
CA SER B 248 7.66 3.71 1.81
C SER B 248 7.88 5.07 2.46
N MET B 249 9.03 5.68 2.23
CA MET B 249 9.43 6.87 2.98
C MET B 249 10.49 7.54 2.12
N ILE B 250 10.28 8.80 1.75
CA ILE B 250 11.31 9.56 1.04
C ILE B 250 11.28 10.97 1.60
N ASP B 251 12.34 11.36 2.31
CA ASP B 251 12.46 12.69 2.91
C ASP B 251 13.77 13.33 2.52
N TYR B 252 13.87 14.63 2.80
CA TYR B 252 15.05 15.44 2.50
C TYR B 252 15.71 15.94 3.76
N ASN B 253 17.05 15.88 3.79
CA ASN B 253 17.84 16.46 4.86
C ASN B 253 18.65 17.62 4.31
N PRO B 254 18.35 18.87 4.70
CA PRO B 254 19.04 20.03 4.11
C PRO B 254 20.46 20.23 4.61
N LEU B 255 20.82 19.68 5.77
CA LEU B 255 22.21 19.77 6.21
C LEU B 255 23.09 18.86 5.37
N GLU B 256 22.67 17.61 5.16
CA GLU B 256 23.45 16.68 4.38
C GLU B 256 23.27 16.86 2.87
N ARG B 257 22.21 17.56 2.45
CA ARG B 257 21.88 17.66 1.03
C ARG B 257 21.71 16.27 0.43
N LYS B 258 20.86 15.48 1.07
CA LYS B 258 20.59 14.12 0.67
C LYS B 258 19.14 13.80 0.92
N LEU B 259 18.59 12.91 0.09
CA LEU B 259 17.35 12.25 0.45
C LEU B 259 17.67 11.06 1.34
N PHE B 260 16.81 10.85 2.34
CA PHE B 260 16.82 9.65 3.17
C PHE B 260 15.54 8.89 2.86
N ALA B 261 15.68 7.58 2.62
CA ALA B 261 14.51 6.81 2.21
C ALA B 261 14.54 5.42 2.82
N TRP B 262 13.37 4.79 2.81
CA TRP B 262 13.20 3.41 3.25
C TRP B 262 12.57 2.65 2.10
N ASP B 263 13.28 1.63 1.61
CA ASP B 263 12.90 0.93 0.39
C ASP B 263 13.08 -0.55 0.63
N ASN B 264 11.96 -1.26 0.80
CA ASN B 264 11.92 -2.72 0.93
C ASN B 264 13.03 -3.27 1.83
N PHE B 265 12.98 -2.93 3.11
CA PHE B 265 13.90 -3.32 4.19
C PHE B 265 15.17 -2.48 4.22
N ASN B 266 15.45 -1.66 3.22
CA ASN B 266 16.75 -0.99 3.10
C ASN B 266 16.64 0.48 3.46
N MET B 267 17.50 0.94 4.38
CA MET B 267 17.65 2.35 4.72
C MET B 267 18.72 2.93 3.82
N VAL B 268 18.33 3.86 2.94
CA VAL B 268 19.20 4.35 1.87
C VAL B 268 19.24 5.87 1.87
N THR B 269 20.29 6.41 1.26
CA THR B 269 20.39 7.83 0.98
C THR B 269 20.65 8.07 -0.51
N TYR B 270 20.18 9.22 -0.99
CA TYR B 270 20.43 9.69 -2.35
C TYR B 270 21.10 11.06 -2.25
N ASP B 271 22.27 11.20 -2.86
CA ASP B 271 22.84 12.54 -2.98
C ASP B 271 21.96 13.40 -3.89
N ILE B 272 21.91 14.70 -3.61
CA ILE B 272 21.21 15.60 -4.51
C ILE B 272 22.08 16.80 -4.83
N LYS B 273 21.77 17.42 -5.97
CA LYS B 273 22.42 18.65 -6.38
C LYS B 273 21.36 19.68 -6.75
N LEU B 274 21.62 20.93 -6.38
CA LEU B 274 20.74 22.07 -6.63
C LEU B 274 21.39 23.04 -7.59
N LEU B 275 20.56 23.80 -8.30
CA LEU B 275 21.02 24.86 -9.19
C LEU B 275 21.79 25.92 -8.42
CA CA C . -10.66 -8.87 -6.00
NA NA D . -8.79 -12.18 -7.00
C1 GOL E . -10.83 9.42 9.97
O1 GOL E . -10.99 9.18 8.60
C2 GOL E . -11.20 8.17 10.77
O2 GOL E . -12.52 7.80 10.42
C3 GOL E . -10.24 7.03 10.43
O3 GOL E . -10.16 6.12 11.49
C1 GOL F . 8.43 -4.08 -13.24
O1 GOL F . 9.31 -5.03 -12.70
C2 GOL F . 8.57 -4.02 -14.75
O2 GOL F . 9.39 -2.93 -15.11
C3 GOL F . 7.19 -3.84 -15.39
O3 GOL F . 6.66 -2.59 -15.03
K K G . 0.96 -6.95 -2.91
CA CA H . 8.32 12.48 2.55
NA NA I . 8.42 12.89 6.45
C1 GOL J . -0.77 22.29 -9.50
O1 GOL J . -0.23 22.89 -8.36
C2 GOL J . -1.25 23.37 -10.46
O2 GOL J . -2.34 22.90 -11.22
C3 GOL J . -1.62 24.63 -9.67
O3 GOL J . -2.98 24.61 -9.29
C1 GOL K . -0.69 -0.82 9.94
O1 GOL K . -1.81 -1.27 9.22
C2 GOL K . 0.19 0.08 9.07
O2 GOL K . -0.25 0.10 7.73
C3 GOL K . 1.61 -0.44 9.14
O3 GOL K . 1.59 -1.83 8.88
#